data_1X0S
#
_entry.id   1X0S
#
_cell.length_a   101.980
_cell.length_b   101.980
_cell.length_c   112.100
_cell.angle_alpha   90.00
_cell.angle_beta   90.00
_cell.angle_gamma   120.00
#
_symmetry.space_group_name_H-M   'P 6 2 2'
#
loop_
_entity.id
_entity.type
_entity.pdbx_description
1 polymer Bacteriorhodopsin
2 branched beta-D-galactopyranose-(1-6)-alpha-D-mannopyranose-(1-2)-alpha-D-glucopyranose
3 non-polymer 'SULFATE ION'
4 non-polymer RETINAL
5 non-polymer "2,3-DI-O-PHYTANLY-3-SN-GLYCERO-1-PHOSPHORYL-3'-SN-GLYCEROL-1'-PHOSPHATE"
6 non-polymer 2,3-DI-PHYTANYL-GLYCEROL
7 water water
#
_entity_poly.entity_id   1
_entity_poly.type   'polypeptide(L)'
_entity_poly.pdbx_seq_one_letter_code
;QAQITGRPEWIWLALGTALMGLGTLYFLVKGMGVSDPDAKKFYAITTLVPAIAFTMYLSMLLGYGLTMVPFGGEQNPIYW
ARYADWLFTTPLLLLDLALLVDADQGTILALVGADGIMIGTGLVGALTKVYSYRFVWWAISTAAMLYILYVLFFGFTSKA
ESMRPEVASTFKVLRNVTVVLWSAYPVVWLIGSEGAGIVPLNIETLLFMVLDVSAKVGFGLILLRSRAIFGEAEAPEPSA
GDGAAATS
;
_entity_poly.pdbx_strand_id   A
#
loop_
_chem_comp.id
_chem_comp.type
_chem_comp.name
_chem_comp.formula
GAL D-saccharide, beta linking beta-D-galactopyranose 'C6 H12 O6'
GLC D-saccharide, alpha linking alpha-D-glucopyranose 'C6 H12 O6'
L2P non-polymer 2,3-DI-PHYTANYL-GLYCEROL 'C43 H88 O3'
L3P non-polymer 2,3-DI-O-PHYTANLY-3-SN-GLYCERO-1-PHOSPHORYL-3'-SN-GLYCEROL-1'-PHOSPHATE 'C46 H94 O11 P2 -2'
MAN D-saccharide, alpha linking alpha-D-mannopyranose 'C6 H12 O6'
RET non-polymer RETINAL 'C20 H28 O'
SO4 non-polymer 'SULFATE ION' 'O4 S -2'
#
# COMPACT_ATOMS: atom_id res chain seq x y z
N THR A 5 -13.86 -5.82 17.79
CA THR A 5 -14.37 -6.61 16.63
C THR A 5 -14.86 -5.69 15.52
N GLY A 6 -15.59 -6.26 14.57
CA GLY A 6 -16.12 -5.50 13.46
C GLY A 6 -17.53 -4.99 13.67
N ARG A 7 -17.65 -3.69 13.93
CA ARG A 7 -18.94 -3.05 14.13
C ARG A 7 -18.70 -1.55 14.30
N PRO A 8 -18.01 -1.15 15.38
CA PRO A 8 -17.78 0.29 15.55
C PRO A 8 -16.96 0.90 14.39
N GLU A 9 -16.10 0.10 13.77
CA GLU A 9 -15.29 0.59 12.65
C GLU A 9 -15.90 0.23 11.30
N TRP A 10 -17.14 -0.24 11.32
CA TRP A 10 -17.83 -0.62 10.10
C TRP A 10 -17.88 0.55 9.13
N ILE A 11 -18.02 1.76 9.67
CA ILE A 11 -18.11 2.95 8.87
C ILE A 11 -16.83 3.27 8.09
N TRP A 12 -15.67 3.24 8.74
CA TRP A 12 -14.41 3.54 8.06
C TRP A 12 -14.20 2.53 6.93
N LEU A 13 -14.61 1.29 7.15
CA LEU A 13 -14.49 0.28 6.12
C LEU A 13 -15.42 0.67 4.96
N ALA A 14 -16.65 1.06 5.30
CA ALA A 14 -17.63 1.47 4.29
C ALA A 14 -17.13 2.60 3.39
N LEU A 15 -16.57 3.63 4.01
CA LEU A 15 -16.06 4.80 3.31
C LEU A 15 -14.84 4.41 2.46
N GLY A 16 -14.04 3.48 2.98
CA GLY A 16 -12.87 3.02 2.26
C GLY A 16 -13.33 2.31 1.00
N THR A 17 -14.21 1.34 1.16
CA THR A 17 -14.74 0.60 0.03
C THR A 17 -15.21 1.58 -1.03
N ALA A 18 -15.98 2.57 -0.60
CA ALA A 18 -16.53 3.54 -1.52
C ALA A 18 -15.47 4.39 -2.22
N LEU A 19 -14.49 4.87 -1.45
CA LEU A 19 -13.44 5.72 -2.00
C LEU A 19 -12.58 4.96 -3.01
N MET A 20 -12.25 3.71 -2.70
CA MET A 20 -11.46 2.90 -3.62
C MET A 20 -12.31 2.71 -4.87
N GLY A 21 -13.55 2.27 -4.67
CA GLY A 21 -14.47 2.06 -5.78
C GLY A 21 -14.54 3.24 -6.73
N LEU A 22 -14.79 4.43 -6.21
CA LEU A 22 -14.87 5.59 -7.08
C LEU A 22 -13.50 5.84 -7.70
N GLY A 23 -12.46 5.63 -6.90
CA GLY A 23 -11.08 5.81 -7.34
C GLY A 23 -10.82 4.97 -8.58
N THR A 24 -11.33 3.74 -8.59
CA THR A 24 -11.17 2.86 -9.74
C THR A 24 -11.93 3.50 -10.90
N LEU A 25 -13.20 3.78 -10.68
CA LEU A 25 -14.04 4.40 -11.70
C LEU A 25 -13.38 5.61 -12.34
N TYR A 26 -12.92 6.53 -11.50
CA TYR A 26 -12.30 7.72 -12.02
C TYR A 26 -11.07 7.41 -12.89
N PHE A 27 -10.19 6.51 -12.42
CA PHE A 27 -8.98 6.15 -13.18
C PHE A 27 -9.35 5.37 -14.42
N LEU A 28 -10.41 4.57 -14.34
CA LEU A 28 -10.87 3.81 -15.50
C LEU A 28 -11.38 4.79 -16.56
N VAL A 29 -12.25 5.70 -16.12
CA VAL A 29 -12.84 6.70 -16.99
C VAL A 29 -11.88 7.84 -17.18
N LYS A 30 -10.75 7.59 -17.83
CA LYS A 30 -9.77 8.65 -18.02
C LYS A 30 -8.63 8.14 -18.87
N GLY A 31 -8.41 6.83 -18.80
CA GLY A 31 -7.36 6.23 -19.58
C GLY A 31 -7.96 5.44 -20.72
N MET A 32 -9.26 5.63 -20.95
CA MET A 32 -9.97 4.93 -22.01
C MET A 32 -9.37 5.14 -23.40
N GLY A 33 -9.32 6.40 -23.81
CA GLY A 33 -8.77 6.69 -25.12
C GLY A 33 -7.34 7.18 -25.03
N VAL A 34 -6.46 6.30 -24.58
CA VAL A 34 -5.07 6.66 -24.45
C VAL A 34 -4.22 5.80 -25.37
N SER A 35 -3.69 6.43 -26.40
CA SER A 35 -2.86 5.76 -27.39
C SER A 35 -1.45 5.44 -26.90
N ASP A 36 -0.82 6.41 -26.24
CA ASP A 36 0.53 6.27 -25.71
C ASP A 36 0.74 4.93 -24.99
N PRO A 37 1.50 4.00 -25.61
CA PRO A 37 1.76 2.69 -25.01
C PRO A 37 2.33 2.71 -23.59
N ASP A 38 3.16 3.71 -23.29
CA ASP A 38 3.74 3.84 -21.96
C ASP A 38 2.69 4.33 -20.97
N ALA A 39 1.92 5.34 -21.37
CA ALA A 39 0.86 5.88 -20.53
C ALA A 39 -0.14 4.75 -20.24
N LYS A 40 -0.37 3.92 -21.25
CA LYS A 40 -1.27 2.78 -21.13
C LYS A 40 -0.84 1.88 -19.97
N LYS A 41 0.46 1.62 -19.87
CA LYS A 41 1.01 0.78 -18.80
C LYS A 41 0.72 1.42 -17.43
N PHE A 42 1.01 2.71 -17.33
CA PHE A 42 0.79 3.44 -16.09
C PHE A 42 -0.66 3.40 -15.62
N TYR A 43 -1.59 3.56 -16.55
CA TYR A 43 -3.00 3.50 -16.19
C TYR A 43 -3.34 2.09 -15.72
N ALA A 44 -2.88 1.10 -16.47
CA ALA A 44 -3.13 -0.28 -16.08
C ALA A 44 -2.63 -0.54 -14.67
N ILE A 45 -1.33 -0.35 -14.44
CA ILE A 45 -0.76 -0.58 -13.12
C ILE A 45 -1.53 0.21 -12.07
N THR A 46 -1.60 1.52 -12.26
CA THR A 46 -2.27 2.37 -11.29
C THR A 46 -3.74 2.04 -11.05
N THR A 47 -4.51 1.80 -12.11
CA THR A 47 -5.93 1.48 -11.95
C THR A 47 -6.14 0.19 -11.15
N LEU A 48 -5.30 -0.83 -11.40
CA LEU A 48 -5.44 -2.10 -10.70
C LEU A 48 -5.22 -1.98 -9.19
N VAL A 49 -4.49 -0.96 -8.76
CA VAL A 49 -4.26 -0.79 -7.34
C VAL A 49 -5.55 -0.51 -6.57
N PRO A 50 -6.28 0.56 -6.95
CA PRO A 50 -7.53 0.84 -6.22
C PRO A 50 -8.59 -0.26 -6.41
N ALA A 51 -8.62 -0.88 -7.59
CA ALA A 51 -9.57 -1.96 -7.85
C ALA A 51 -9.41 -3.10 -6.86
N ILE A 52 -8.17 -3.49 -6.59
CA ILE A 52 -7.91 -4.57 -5.64
C ILE A 52 -8.31 -4.05 -4.25
N ALA A 53 -7.87 -2.84 -3.94
CA ALA A 53 -8.22 -2.23 -2.64
C ALA A 53 -9.72 -2.31 -2.39
N PHE A 54 -10.50 -2.09 -3.45
CA PHE A 54 -11.97 -2.13 -3.36
C PHE A 54 -12.49 -3.50 -2.95
N THR A 55 -11.99 -4.56 -3.59
CA THR A 55 -12.45 -5.91 -3.26
C THR A 55 -12.06 -6.28 -1.83
N MET A 56 -10.86 -5.91 -1.41
CA MET A 56 -10.48 -6.27 -0.06
C MET A 56 -11.20 -5.40 0.98
N TYR A 57 -11.47 -4.14 0.66
CA TYR A 57 -12.18 -3.33 1.63
C TYR A 57 -13.60 -3.85 1.80
N LEU A 58 -14.17 -4.37 0.71
CA LEU A 58 -15.53 -4.91 0.74
C LEU A 58 -15.60 -6.17 1.58
N SER A 59 -14.52 -6.93 1.59
CA SER A 59 -14.48 -8.17 2.37
C SER A 59 -14.42 -7.85 3.86
N MET A 60 -13.82 -6.72 4.21
CA MET A 60 -13.75 -6.33 5.61
C MET A 60 -15.13 -5.83 6.02
N LEU A 61 -15.73 -5.01 5.17
CA LEU A 61 -17.07 -4.48 5.46
C LEU A 61 -18.09 -5.61 5.62
N LEU A 62 -18.06 -6.57 4.69
CA LEU A 62 -19.00 -7.69 4.75
C LEU A 62 -18.63 -8.76 5.79
N GLY A 63 -17.53 -8.54 6.49
CA GLY A 63 -17.12 -9.47 7.54
C GLY A 63 -16.21 -10.64 7.20
N TYR A 64 -15.99 -10.86 5.92
CA TYR A 64 -15.13 -11.95 5.48
C TYR A 64 -13.64 -11.75 5.84
N GLY A 65 -13.07 -10.61 5.47
CA GLY A 65 -11.67 -10.36 5.75
C GLY A 65 -11.27 -10.33 7.20
N LEU A 66 -12.24 -10.46 8.10
CA LEU A 66 -11.95 -10.46 9.52
C LEU A 66 -11.90 -11.88 10.07
N THR A 67 -10.93 -12.08 10.96
CA THR A 67 -10.72 -13.37 11.61
C THR A 67 -10.46 -13.11 13.08
N MET A 68 -10.26 -14.17 13.84
CA MET A 68 -9.98 -14.07 15.27
C MET A 68 -8.72 -14.84 15.63
N VAL A 69 -7.79 -14.15 16.29
CA VAL A 69 -6.54 -14.76 16.70
C VAL A 69 -6.43 -14.71 18.22
N PRO A 70 -6.04 -15.83 18.82
CA PRO A 70 -5.91 -15.85 20.28
C PRO A 70 -4.49 -15.48 20.67
N PHE A 71 -4.35 -14.41 21.43
CA PHE A 71 -3.03 -13.98 21.90
C PHE A 71 -3.24 -12.91 22.96
N GLY A 72 -2.37 -12.90 23.96
CA GLY A 72 -2.52 -11.96 25.05
C GLY A 72 -3.53 -12.55 26.01
N GLY A 73 -3.68 -13.87 25.93
CA GLY A 73 -4.63 -14.56 26.78
C GLY A 73 -6.05 -14.15 26.45
N GLU A 74 -6.38 -14.06 25.16
CA GLU A 74 -7.71 -13.68 24.74
C GLU A 74 -7.87 -13.74 23.23
N GLN A 75 -9.11 -13.57 22.77
CA GLN A 75 -9.43 -13.58 21.35
C GLN A 75 -9.22 -12.18 20.77
N ASN A 76 -8.71 -12.13 19.54
CA ASN A 76 -8.43 -10.86 18.89
C ASN A 76 -8.92 -10.73 17.45
N PRO A 77 -9.55 -9.58 17.14
CA PRO A 77 -10.10 -9.22 15.84
C PRO A 77 -8.99 -8.77 14.87
N ILE A 78 -8.64 -9.66 13.96
CA ILE A 78 -7.59 -9.37 12.99
C ILE A 78 -8.10 -9.33 11.55
N TYR A 79 -8.07 -8.14 10.96
CA TYR A 79 -8.48 -8.01 9.56
C TYR A 79 -7.30 -8.51 8.68
N TRP A 80 -7.37 -9.78 8.28
CA TRP A 80 -6.31 -10.39 7.47
C TRP A 80 -6.32 -9.91 6.03
N ALA A 81 -7.50 -9.52 5.54
CA ALA A 81 -7.63 -9.08 4.17
C ALA A 81 -6.61 -8.01 3.76
N ARG A 82 -6.12 -7.24 4.73
CA ARG A 82 -5.17 -6.18 4.42
C ARG A 82 -3.92 -6.72 3.74
N TYR A 83 -3.50 -7.87 4.20
CA TYR A 83 -2.31 -8.48 3.64
C TYR A 83 -2.59 -8.98 2.24
N ALA A 84 -3.76 -9.58 2.04
CA ALA A 84 -4.17 -10.07 0.73
C ALA A 84 -4.16 -8.90 -0.26
N ASP A 85 -4.62 -7.74 0.22
CA ASP A 85 -4.68 -6.51 -0.55
C ASP A 85 -3.26 -6.05 -0.89
N TRP A 86 -2.55 -5.62 0.15
CA TRP A 86 -1.20 -5.12 0.02
C TRP A 86 -0.26 -6.05 -0.78
N LEU A 87 -0.32 -7.35 -0.53
CA LEU A 87 0.55 -8.30 -1.24
C LEU A 87 0.67 -8.02 -2.74
N PHE A 88 -0.40 -7.50 -3.34
CA PHE A 88 -0.44 -7.17 -4.76
C PHE A 88 -0.34 -5.68 -5.05
N THR A 89 -1.04 -4.88 -4.25
CA THR A 89 -1.02 -3.44 -4.46
C THR A 89 0.33 -2.77 -4.18
N THR A 90 1.07 -3.25 -3.18
CA THR A 90 2.36 -2.61 -2.92
C THR A 90 3.36 -2.80 -4.05
N PRO A 91 3.43 -4.01 -4.62
CA PRO A 91 4.39 -4.18 -5.72
C PRO A 91 3.95 -3.31 -6.88
N LEU A 92 2.66 -3.35 -7.20
CA LEU A 92 2.11 -2.54 -8.30
C LEU A 92 2.52 -1.07 -8.14
N LEU A 93 2.35 -0.52 -6.94
CA LEU A 93 2.77 0.85 -6.73
C LEU A 93 4.27 0.97 -7.03
N LEU A 94 5.06 0.05 -6.46
CA LEU A 94 6.50 0.06 -6.67
C LEU A 94 6.82 0.00 -8.16
N LEU A 95 6.14 -0.89 -8.87
CA LEU A 95 6.34 -1.03 -10.31
C LEU A 95 6.14 0.34 -11.00
N ASP A 96 5.10 1.09 -10.58
CA ASP A 96 4.84 2.42 -11.15
C ASP A 96 6.09 3.30 -11.05
N LEU A 97 6.67 3.37 -9.85
CA LEU A 97 7.89 4.15 -9.63
C LEU A 97 9.03 3.67 -10.52
N ALA A 98 9.18 2.35 -10.62
CA ALA A 98 10.26 1.80 -11.43
C ALA A 98 10.14 2.16 -12.90
N LEU A 99 8.92 2.07 -13.45
CA LEU A 99 8.71 2.39 -14.87
C LEU A 99 9.01 3.85 -15.13
N LEU A 100 8.43 4.69 -14.28
CA LEU A 100 8.59 6.11 -14.37
C LEU A 100 10.07 6.50 -14.40
N VAL A 101 10.85 5.88 -13.55
CA VAL A 101 12.26 6.18 -13.45
C VAL A 101 13.17 5.25 -14.27
N ASP A 102 12.58 4.30 -15.00
CA ASP A 102 13.35 3.34 -15.82
C ASP A 102 14.40 2.59 -15.00
N ALA A 103 13.97 1.87 -13.98
CA ALA A 103 14.87 1.13 -13.12
C ALA A 103 15.33 -0.20 -13.77
N ASP A 104 16.46 -0.72 -13.28
CA ASP A 104 17.01 -1.98 -13.77
C ASP A 104 16.14 -3.14 -13.31
N GLN A 105 16.01 -4.16 -14.17
CA GLN A 105 15.21 -5.32 -13.83
C GLN A 105 15.67 -5.93 -12.51
N GLY A 106 16.98 -5.96 -12.31
CA GLY A 106 17.50 -6.50 -11.07
C GLY A 106 16.88 -5.82 -9.87
N THR A 107 16.98 -4.49 -9.83
CA THR A 107 16.42 -3.75 -8.70
C THR A 107 14.91 -3.96 -8.56
N ILE A 108 14.17 -4.02 -9.68
CA ILE A 108 12.73 -4.26 -9.61
C ILE A 108 12.52 -5.60 -8.92
N LEU A 109 13.22 -6.61 -9.40
CA LEU A 109 13.10 -7.94 -8.80
C LEU A 109 13.38 -7.88 -7.31
N ALA A 110 14.49 -7.23 -6.95
CA ALA A 110 14.89 -7.08 -5.54
C ALA A 110 13.82 -6.32 -4.76
N LEU A 111 13.29 -5.27 -5.38
CA LEU A 111 12.25 -4.48 -4.75
C LEU A 111 10.98 -5.29 -4.56
N VAL A 112 10.57 -6.04 -5.58
CA VAL A 112 9.36 -6.83 -5.45
C VAL A 112 9.56 -7.89 -4.35
N GLY A 113 10.74 -8.52 -4.34
CA GLY A 113 11.03 -9.53 -3.33
C GLY A 113 10.91 -8.96 -1.93
N ALA A 114 11.60 -7.84 -1.71
CA ALA A 114 11.56 -7.16 -0.42
C ALA A 114 10.12 -6.93 0.04
N ASP A 115 9.29 -6.43 -0.89
CA ASP A 115 7.88 -6.12 -0.63
C ASP A 115 7.09 -7.37 -0.21
N GLY A 116 7.22 -8.43 -1.00
CA GLY A 116 6.50 -9.66 -0.68
C GLY A 116 6.84 -10.14 0.70
N ILE A 117 8.12 -10.03 1.05
CA ILE A 117 8.54 -10.44 2.37
C ILE A 117 7.92 -9.49 3.37
N MET A 118 8.02 -8.19 3.09
CA MET A 118 7.44 -7.19 3.98
C MET A 118 5.98 -7.55 4.32
N ILE A 119 5.17 -7.83 3.31
CA ILE A 119 3.79 -8.17 3.62
C ILE A 119 3.69 -9.56 4.20
N GLY A 120 4.38 -10.52 3.59
CA GLY A 120 4.35 -11.89 4.09
C GLY A 120 4.65 -11.91 5.58
N THR A 121 5.72 -11.21 5.95
CA THR A 121 6.13 -11.11 7.35
C THR A 121 5.05 -10.44 8.20
N GLY A 122 4.51 -9.34 7.69
CA GLY A 122 3.45 -8.64 8.41
C GLY A 122 2.23 -9.51 8.64
N LEU A 123 1.87 -10.29 7.63
CA LEU A 123 0.73 -11.16 7.75
C LEU A 123 0.99 -12.22 8.81
N VAL A 124 2.14 -12.89 8.71
CA VAL A 124 2.49 -13.90 9.68
C VAL A 124 2.43 -13.30 11.08
N GLY A 125 3.06 -12.14 11.25
CA GLY A 125 3.04 -11.49 12.54
C GLY A 125 1.61 -11.34 13.05
N ALA A 126 0.76 -10.75 12.21
CA ALA A 126 -0.63 -10.54 12.57
C ALA A 126 -1.36 -11.82 13.00
N LEU A 127 -0.82 -12.98 12.63
CA LEU A 127 -1.48 -14.23 12.97
C LEU A 127 -0.80 -15.10 14.04
N THR A 128 0.46 -14.82 14.35
CA THR A 128 1.18 -15.59 15.34
C THR A 128 0.52 -15.50 16.73
N LYS A 129 0.39 -16.63 17.42
CA LYS A 129 -0.26 -16.68 18.72
C LYS A 129 0.54 -16.23 19.93
N VAL A 130 1.87 -16.37 19.88
CA VAL A 130 2.70 -15.91 20.98
C VAL A 130 2.85 -14.40 20.83
N TYR A 131 2.08 -13.66 21.62
CA TYR A 131 2.10 -12.20 21.58
C TYR A 131 3.51 -11.71 21.26
N SER A 132 4.44 -12.15 22.11
CA SER A 132 5.84 -11.78 22.01
C SER A 132 6.42 -11.89 20.60
N TYR A 133 6.12 -13.00 19.94
CA TYR A 133 6.64 -13.26 18.62
C TYR A 133 6.14 -12.30 17.54
N ARG A 134 4.94 -11.78 17.72
CA ARG A 134 4.36 -10.84 16.77
C ARG A 134 5.32 -9.67 16.57
N PHE A 135 6.08 -9.34 17.61
CA PHE A 135 7.00 -8.21 17.51
C PHE A 135 8.29 -8.47 16.75
N VAL A 136 8.69 -9.74 16.67
CA VAL A 136 9.89 -10.09 15.92
C VAL A 136 9.52 -9.89 14.44
N TRP A 137 8.44 -10.55 14.02
CA TRP A 137 7.95 -10.46 12.65
C TRP A 137 7.78 -9.00 12.23
N TRP A 138 7.35 -8.17 13.18
CA TRP A 138 7.18 -6.75 12.91
C TRP A 138 8.53 -6.16 12.59
N ALA A 139 9.52 -6.56 13.39
CA ALA A 139 10.87 -6.08 13.20
C ALA A 139 11.38 -6.41 11.80
N ILE A 140 11.25 -7.68 11.43
CA ILE A 140 11.69 -8.13 10.13
C ILE A 140 10.96 -7.37 9.01
N SER A 141 9.64 -7.35 9.13
CA SER A 141 8.82 -6.67 8.13
C SER A 141 9.24 -5.21 7.93
N THR A 142 9.50 -4.53 9.03
CA THR A 142 9.90 -3.12 8.96
C THR A 142 11.29 -3.00 8.34
N ALA A 143 12.18 -3.94 8.67
CA ALA A 143 13.52 -3.92 8.11
C ALA A 143 13.39 -4.00 6.59
N ALA A 144 12.57 -4.94 6.11
CA ALA A 144 12.33 -5.11 4.68
C ALA A 144 11.80 -3.80 4.12
N MET A 145 10.79 -3.25 4.78
CA MET A 145 10.22 -1.98 4.31
C MET A 145 11.32 -0.92 4.12
N LEU A 146 12.09 -0.70 5.19
CA LEU A 146 13.16 0.30 5.17
C LEU A 146 14.10 0.17 3.98
N TYR A 147 14.44 -1.08 3.65
CA TYR A 147 15.30 -1.35 2.51
C TYR A 147 14.67 -0.74 1.26
N ILE A 148 13.37 -0.98 1.09
CA ILE A 148 12.61 -0.45 -0.05
C ILE A 148 12.62 1.07 -0.10
N LEU A 149 12.25 1.72 0.99
CA LEU A 149 12.24 3.18 1.02
C LEU A 149 13.61 3.79 0.75
N TYR A 150 14.66 3.04 1.11
CA TYR A 150 16.04 3.46 0.92
C TYR A 150 16.31 3.52 -0.58
N VAL A 151 16.13 2.37 -1.23
CA VAL A 151 16.33 2.26 -2.67
C VAL A 151 15.50 3.28 -3.42
N LEU A 152 14.25 3.44 -2.99
CA LEU A 152 13.39 4.43 -3.63
C LEU A 152 13.97 5.81 -3.48
N PHE A 153 14.32 6.18 -2.25
CA PHE A 153 14.86 7.51 -1.98
C PHE A 153 16.21 7.88 -2.58
N PHE A 154 17.20 7.01 -2.44
CA PHE A 154 18.53 7.31 -2.94
C PHE A 154 18.82 6.68 -4.28
N GLY A 155 18.29 5.49 -4.50
CA GLY A 155 18.52 4.83 -5.77
C GLY A 155 17.68 5.43 -6.86
N PHE A 156 16.36 5.35 -6.71
CA PHE A 156 15.44 5.84 -7.74
C PHE A 156 15.59 7.32 -8.05
N THR A 157 15.76 8.15 -7.02
CA THR A 157 15.93 9.60 -7.28
C THR A 157 17.05 9.80 -8.28
N SER A 158 18.15 9.10 -8.07
CA SER A 158 19.31 9.17 -8.94
C SER A 158 18.92 8.87 -10.39
N LYS A 159 18.14 7.80 -10.57
CA LYS A 159 17.70 7.43 -11.91
C LYS A 159 16.72 8.44 -12.52
N ALA A 160 16.02 9.18 -11.66
CA ALA A 160 15.06 10.18 -12.12
C ALA A 160 15.77 11.41 -12.70
N GLU A 161 16.96 11.69 -12.16
CA GLU A 161 17.75 12.84 -12.57
C GLU A 161 18.15 12.81 -14.03
N SER A 162 18.01 11.65 -14.66
CA SER A 162 18.40 11.49 -16.06
C SER A 162 17.19 11.64 -16.99
N MET A 163 16.00 11.67 -16.42
CA MET A 163 14.79 11.83 -17.20
C MET A 163 14.54 13.33 -17.41
N ARG A 164 13.51 13.65 -18.20
CA ARG A 164 13.16 15.04 -18.44
C ARG A 164 12.57 15.63 -17.15
N PRO A 165 12.78 16.94 -16.93
CA PRO A 165 12.29 17.64 -15.74
C PRO A 165 10.88 17.27 -15.27
N GLU A 166 9.96 17.03 -16.21
CA GLU A 166 8.59 16.64 -15.87
C GLU A 166 8.61 15.38 -15.00
N VAL A 167 9.31 14.35 -15.48
CA VAL A 167 9.42 13.07 -14.78
C VAL A 167 10.16 13.19 -13.45
N ALA A 168 11.27 13.92 -13.46
CA ALA A 168 12.06 14.10 -12.24
C ALA A 168 11.20 14.70 -11.12
N SER A 169 10.42 15.71 -11.46
CA SER A 169 9.59 16.38 -10.47
C SER A 169 8.41 15.53 -9.99
N THR A 170 7.71 14.87 -10.91
CA THR A 170 6.58 14.04 -10.52
C THR A 170 7.11 12.95 -9.61
N PHE A 171 8.19 12.31 -10.03
CA PHE A 171 8.78 11.27 -9.20
C PHE A 171 9.09 11.82 -7.81
N LYS A 172 9.69 13.02 -7.75
CA LYS A 172 10.01 13.64 -6.46
C LYS A 172 8.77 13.70 -5.54
N VAL A 173 7.65 14.16 -6.10
CA VAL A 173 6.42 14.24 -5.32
C VAL A 173 6.04 12.83 -4.85
N LEU A 174 5.91 11.91 -5.81
CA LEU A 174 5.56 10.49 -5.54
C LEU A 174 6.49 9.88 -4.50
N ARG A 175 7.78 10.11 -4.68
CA ARG A 175 8.80 9.62 -3.76
C ARG A 175 8.52 10.11 -2.33
N ASN A 176 8.31 11.40 -2.18
CA ASN A 176 8.04 11.96 -0.85
C ASN A 176 6.76 11.40 -0.26
N VAL A 177 5.72 11.30 -1.09
CA VAL A 177 4.46 10.77 -0.63
C VAL A 177 4.53 9.31 -0.19
N THR A 178 5.24 8.47 -0.93
CA THR A 178 5.31 7.07 -0.51
C THR A 178 6.22 6.84 0.69
N VAL A 179 7.36 7.53 0.71
CA VAL A 179 8.28 7.38 1.83
C VAL A 179 7.60 7.76 3.15
N VAL A 180 6.94 8.91 3.17
CA VAL A 180 6.26 9.37 4.37
C VAL A 180 5.08 8.47 4.77
N LEU A 181 4.22 8.17 3.81
CA LEU A 181 3.04 7.34 4.07
C LEU A 181 3.34 5.90 4.47
N TRP A 182 4.14 5.22 3.66
CA TRP A 182 4.50 3.83 3.94
C TRP A 182 5.01 3.62 5.37
N SER A 183 5.83 4.55 5.85
CA SER A 183 6.41 4.39 7.17
C SER A 183 5.43 4.56 8.34
N ALA A 184 4.21 4.97 8.02
CA ALA A 184 3.19 5.15 9.06
C ALA A 184 2.56 3.81 9.38
N TYR A 185 2.49 2.94 8.37
CA TYR A 185 1.87 1.64 8.54
C TYR A 185 2.46 0.87 9.71
N PRO A 186 3.79 0.68 9.71
CA PRO A 186 4.43 -0.06 10.81
C PRO A 186 4.16 0.58 12.17
N VAL A 187 3.97 1.90 12.19
CA VAL A 187 3.69 2.59 13.44
C VAL A 187 2.27 2.29 13.86
N VAL A 188 1.35 2.29 12.89
CA VAL A 188 -0.04 2.01 13.20
C VAL A 188 -0.14 0.58 13.68
N TRP A 189 0.40 -0.33 12.89
CA TRP A 189 0.38 -1.76 13.26
C TRP A 189 0.88 -1.92 14.69
N LEU A 190 2.04 -1.33 14.97
CA LEU A 190 2.64 -1.43 16.28
C LEU A 190 1.74 -1.00 17.44
N ILE A 191 1.09 0.14 17.30
CA ILE A 191 0.21 0.65 18.36
C ILE A 191 -1.25 0.19 18.28
N GLY A 192 -1.60 -0.53 17.22
CA GLY A 192 -2.98 -0.97 17.07
C GLY A 192 -3.26 -2.33 17.66
N SER A 193 -4.38 -2.92 17.25
CA SER A 193 -4.79 -4.21 17.74
C SER A 193 -3.89 -5.38 17.33
N GLU A 194 -3.09 -5.18 16.30
CA GLU A 194 -2.17 -6.24 15.85
C GLU A 194 -0.99 -6.36 16.79
N GLY A 195 -0.68 -5.26 17.47
CA GLY A 195 0.42 -5.25 18.42
C GLY A 195 -0.10 -4.82 19.77
N ALA A 196 0.55 -3.83 20.38
CA ALA A 196 0.13 -3.31 21.68
C ALA A 196 -1.15 -2.52 21.44
N GLY A 197 -2.26 -2.97 22.01
CA GLY A 197 -3.54 -2.30 21.80
C GLY A 197 -3.67 -0.88 22.31
N ILE A 198 -2.64 -0.07 22.15
CA ILE A 198 -2.66 1.31 22.62
C ILE A 198 -3.77 2.11 21.94
N VAL A 199 -4.12 1.74 20.72
CA VAL A 199 -5.16 2.44 19.97
C VAL A 199 -6.27 1.45 19.64
N PRO A 200 -7.53 1.90 19.72
CA PRO A 200 -8.66 1.00 19.41
C PRO A 200 -8.80 0.71 17.91
N LEU A 201 -9.30 -0.50 17.62
CA LEU A 201 -9.52 -0.93 16.25
C LEU A 201 -10.33 0.14 15.54
N ASN A 202 -11.14 0.85 16.32
CA ASN A 202 -11.96 1.92 15.76
C ASN A 202 -11.09 2.93 15.03
N ILE A 203 -10.20 3.58 15.79
CA ILE A 203 -9.31 4.59 15.25
C ILE A 203 -8.30 3.98 14.28
N GLU A 204 -7.84 2.78 14.58
CA GLU A 204 -6.88 2.10 13.72
C GLU A 204 -7.42 1.98 12.29
N THR A 205 -8.65 1.50 12.17
CA THR A 205 -9.29 1.33 10.88
C THR A 205 -9.44 2.67 10.15
N LEU A 206 -9.66 3.74 10.91
CA LEU A 206 -9.81 5.05 10.32
C LEU A 206 -8.43 5.50 9.86
N LEU A 207 -7.40 5.01 10.53
CA LEU A 207 -6.05 5.34 10.16
C LEU A 207 -5.65 4.63 8.87
N PHE A 208 -5.75 3.30 8.85
CA PHE A 208 -5.39 2.56 7.64
C PHE A 208 -6.18 3.10 6.47
N MET A 209 -7.44 3.44 6.72
CA MET A 209 -8.31 3.98 5.68
C MET A 209 -7.69 5.22 5.02
N VAL A 210 -7.31 6.20 5.83
CA VAL A 210 -6.73 7.43 5.32
C VAL A 210 -5.40 7.20 4.60
N LEU A 211 -4.57 6.34 5.21
CA LEU A 211 -3.27 5.97 4.65
C LEU A 211 -3.45 5.26 3.30
N ASP A 212 -4.33 4.27 3.28
CA ASP A 212 -4.57 3.53 2.04
C ASP A 212 -5.06 4.47 0.93
N VAL A 213 -6.21 5.12 1.12
CA VAL A 213 -6.74 6.01 0.09
C VAL A 213 -5.72 7.04 -0.40
N SER A 214 -4.91 7.57 0.52
CA SER A 214 -3.89 8.54 0.15
C SER A 214 -2.80 7.87 -0.68
N ALA A 215 -2.25 6.81 -0.11
CA ALA A 215 -1.18 6.04 -0.72
C ALA A 215 -1.54 5.40 -2.06
N LYS A 216 -2.83 5.27 -2.35
CA LYS A 216 -3.27 4.70 -3.61
C LYS A 216 -3.99 5.73 -4.49
N VAL A 217 -5.17 6.16 -4.05
CA VAL A 217 -5.91 7.13 -4.86
C VAL A 217 -5.11 8.41 -5.04
N GLY A 218 -4.56 8.92 -3.95
CA GLY A 218 -3.78 10.15 -4.04
C GLY A 218 -2.60 9.98 -4.98
N PHE A 219 -1.83 8.93 -4.72
CA PHE A 219 -0.68 8.57 -5.52
C PHE A 219 -1.15 8.46 -6.99
N GLY A 220 -2.20 7.69 -7.21
CA GLY A 220 -2.73 7.55 -8.56
C GLY A 220 -3.01 8.92 -9.15
N LEU A 221 -3.70 9.76 -8.40
CA LEU A 221 -4.02 11.13 -8.86
C LEU A 221 -2.77 11.92 -9.23
N ILE A 222 -1.82 12.01 -8.31
CA ILE A 222 -0.61 12.75 -8.59
C ILE A 222 0.01 12.24 -9.90
N LEU A 223 0.22 10.92 -9.97
CA LEU A 223 0.81 10.31 -11.16
C LEU A 223 -0.02 10.42 -12.44
N LEU A 224 -1.25 9.93 -12.39
CA LEU A 224 -2.08 9.95 -13.60
C LEU A 224 -2.53 11.31 -14.14
N ARG A 225 -2.22 12.38 -13.44
CA ARG A 225 -2.62 13.68 -13.92
C ARG A 225 -1.44 14.54 -14.33
N SER A 226 -0.31 13.88 -14.53
CA SER A 226 0.90 14.60 -14.95
C SER A 226 1.24 14.10 -16.35
N ARG A 227 2.11 14.84 -17.05
CA ARG A 227 2.51 14.43 -18.39
C ARG A 227 3.70 13.51 -18.27
N ALA A 228 4.06 13.16 -17.04
CA ALA A 228 5.21 12.30 -16.80
C ALA A 228 5.02 10.89 -17.36
N ILE A 229 3.78 10.42 -17.37
CA ILE A 229 3.45 9.07 -17.86
C ILE A 229 3.53 8.90 -19.37
N PHE A 230 3.82 9.98 -20.09
CA PHE A 230 3.91 9.91 -21.54
C PHE A 230 5.34 9.78 -22.02
N GLY A 231 5.49 9.22 -23.22
CA GLY A 231 6.82 9.05 -23.79
C GLY A 231 7.40 10.33 -24.32
C1 GLC B . -3.87 -19.57 10.60
C2 GLC B . -4.14 -20.76 11.65
C3 GLC B . -5.55 -21.37 11.32
C4 GLC B . -6.64 -20.26 11.48
C5 GLC B . -6.35 -19.08 10.50
C6 GLC B . -7.24 -17.83 10.62
O2 GLC B . -3.15 -21.81 11.52
O3 GLC B . -5.88 -22.43 12.23
O4 GLC B . -7.96 -20.71 11.20
O5 GLC B . -4.94 -18.54 10.75
O6 GLC B . -7.28 -17.10 11.84
C1 MAN B . -2.10 -21.81 12.52
C2 MAN B . -0.94 -22.49 11.69
C3 MAN B . -1.12 -24.05 11.78
C4 MAN B . -1.04 -24.46 13.28
C5 MAN B . -2.18 -23.74 14.10
C6 MAN B . -2.14 -23.97 15.58
O2 MAN B . 0.38 -22.04 12.23
O3 MAN B . -0.07 -24.65 11.01
O4 MAN B . -1.16 -25.90 13.41
O5 MAN B . -2.05 -22.28 13.91
O6 MAN B . -2.77 -25.04 16.21
C1 GAL B . -2.24 -25.36 17.51
C2 GAL B . -0.68 -25.44 17.87
C3 GAL B . -0.49 -26.30 19.17
C4 GAL B . -1.28 -25.63 20.39
C5 GAL B . -2.83 -25.57 19.98
C6 GAL B . -3.61 -24.90 21.14
O2 GAL B . 0.00 -26.00 16.75
O3 GAL B . 0.88 -26.37 19.50
O4 GAL B . -0.75 -24.33 20.60
O5 GAL B . -2.95 -24.78 18.68
O6 GAL B . -3.55 -25.53 22.39
S SO4 C . 1.68 -19.66 16.38
O1 SO4 C . 1.74 -18.32 15.76
O2 SO4 C . 0.43 -20.35 15.95
O3 SO4 C . 2.87 -20.43 15.95
O4 SO4 C . 1.63 -19.54 17.85
C1 RET D . 2.87 -3.94 7.96
C2 RET D . 3.21 -4.76 9.26
C3 RET D . 4.20 -4.21 10.15
C4 RET D . 5.48 -3.92 9.43
C5 RET D . 5.33 -3.08 8.16
C6 RET D . 4.12 -3.05 7.45
C7 RET D . 4.02 -2.17 6.14
C8 RET D . 2.88 -1.99 5.41
C9 RET D . 2.82 -1.14 4.19
C10 RET D . 1.61 -1.01 3.55
C11 RET D . 1.41 -0.22 2.37
C12 RET D . 0.19 -0.17 1.81
C13 RET D . -0.05 0.62 0.51
C14 RET D . -1.29 0.73 -0.06
C15 RET D . -2.56 0.19 0.47
C16 RET D . 2.44 -4.99 6.92
C17 RET D . 1.67 -3.09 8.39
C18 RET D . 6.56 -2.27 7.72
C19 RET D . 4.06 -0.44 3.69
C20 RET D . 1.05 1.45 -0.09
C1 L3P E . -5.46 -0.43 -20.05
C2 L3P E . -6.13 -0.39 -21.45
C3 L3P E . -5.28 -1.20 -22.46
C4 L3P E . -4.92 -0.08 -27.76
C5 L3P E . -5.10 1.13 -28.74
C6 L3P E . -3.74 1.94 -28.99
O1 L3P E . -6.26 0.33 -19.06
O2 L3P E . -7.51 -0.97 -21.33
O3 L3P E . -5.39 -0.50 -23.80
O4 L3P E . -5.77 0.01 -26.56
O5 L3P E . -5.59 0.60 -29.97
O6 L3P E . -2.65 1.12 -29.55
O1P L3P E . -7.16 -1.73 -25.34
O2P L3P E . -4.84 -2.20 -25.67
O4P L3P E . -1.19 2.97 -30.69
O5P L3P E . -0.38 1.95 -28.64
O6P L3P E . -0.37 0.68 -30.72
P1 L3P E . -5.78 -1.14 -25.35
P2 L3P E . -1.13 1.69 -29.91
C11 L3P E . -6.27 0.09 -17.62
C12 L3P E . -7.35 -0.97 -17.36
C13 L3P E . -7.54 -1.39 -15.92
C14 L3P E . -6.25 -1.92 -15.31
C15 L3P E . -8.67 -2.43 -15.92
C16 L3P E . -9.01 -2.93 -14.55
C17 L3P E . -10.13 -3.94 -14.62
C18 L3P E . -10.95 -4.08 -13.30
C19 L3P E . -10.08 -4.53 -12.12
C20 L3P E . -12.07 -5.13 -13.45
C21 L3P E . -13.40 -4.62 -12.89
C22 L3P E . -13.75 -5.28 -11.52
C23 L3P E . -13.78 -4.20 -10.37
C24 L3P E . -12.88 -4.58 -9.20
C25 L3P E . -15.17 -3.99 -9.81
C26 L3P E . -15.54 -2.52 -10.10
C27 L3P E . -15.82 -1.75 -8.79
C28 L3P E . -16.97 -0.75 -9.01
C29 L3P E . -17.97 -0.86 -7.86
C30 L3P E . -16.41 0.69 -9.05
C41 L3P E . -8.52 -1.14 -22.45
C42 L3P E . -9.13 0.19 -23.06
C43 L3P E . -10.45 -0.19 -23.81
C44 L3P E . -10.28 -0.14 -25.32
C45 L3P E . -11.57 0.77 -23.39
C46 L3P E . -12.29 0.12 -22.20
C47 L3P E . -13.43 0.97 -21.69
C48 L3P E . -14.12 0.30 -20.51
C49 L3P E . -14.72 -1.08 -20.80
C50 L3P E . -15.21 1.20 -20.04
C51 L3P E . -14.78 1.91 -18.75
C52 L3P E . -15.50 1.30 -17.51
C53 L3P E . -16.95 1.79 -17.22
C54 L3P E . -17.16 3.34 -17.02
C55 L3P E . -17.56 1.08 -15.93
C56 L3P E . -16.75 0.03 -15.09
C57 L3P E . -17.22 -1.45 -15.24
C58 L3P E . -16.13 -2.48 -14.90
C59 L3P E . -16.83 -3.81 -15.12
C60 L3P E . -14.91 -2.39 -15.86
C1 L2P F . -1.36 -21.25 7.80
O1 L2P F . -2.00 -22.47 7.29
C2 L2P F . -1.81 -19.79 7.45
O2 L2P F . -0.59 -18.92 7.46
C3 L2P F . -2.84 -19.29 8.54
O3 L2P F . -2.62 -19.47 9.87
C11 L2P F . -1.97 -22.57 5.90
C12 L2P F . -1.16 -23.72 5.37
C13 L2P F . -1.22 -23.67 3.87
C14 L2P F . -1.81 -25.00 3.53
C15 L2P F . 0.20 -23.46 3.34
C16 L2P F . 0.26 -22.01 2.85
C17 L2P F . 1.60 -21.64 2.27
C18 L2P F . 1.44 -21.72 0.73
C19 L2P F . 2.34 -22.83 0.17
C20 L2P F . 1.89 -20.51 -0.10
C21 L2P F . 1.20 -19.22 0.31
C22 L2P F . 1.81 -18.20 -0.74
C23 L2P F . 1.35 -16.63 -0.71
C24 L2P F . -0.24 -16.60 -0.84
C25 L2P F . 2.18 -15.93 -1.98
C26 L2P F . 1.30 -15.27 -3.26
C27 L2P F . 2.09 -14.64 -4.48
C28 L2P F . 2.34 -13.14 -4.96
C29 L2P F . 2.10 -11.60 -4.70
C30 L2P F . 3.88 -13.06 -5.33
C41 L2P F . -0.37 -17.85 6.43
C42 L2P F . 1.14 -17.98 5.92
C43 L2P F . 1.75 -16.98 4.83
C44 L2P F . 0.89 -16.95 3.52
C45 L2P F . 3.23 -17.45 4.59
C46 L2P F . 3.98 -16.56 3.55
C47 L2P F . 5.45 -16.96 3.26
C48 L2P F . 6.66 -15.84 3.04
C49 L2P F . 6.70 -14.57 3.92
C50 L2P F . 6.64 -15.45 1.45
C51 L2P F . 7.64 -14.42 0.83
C52 L2P F . 7.20 -14.43 -0.67
C53 L2P F . 7.54 -13.32 -1.74
C54 L2P F . 6.15 -13.10 -2.31
C55 L2P F . 8.51 -13.84 -2.88
C56 L2P F . 8.89 -12.78 -3.96
C57 L2P F . 9.76 -13.36 -5.16
C58 L2P F . 9.05 -13.59 -6.56
C59 L2P F . 9.11 -12.42 -7.45
C60 L2P F . 9.69 -14.76 -7.35
C1 L3P G . -24.79 -2.09 5.31
C2 L3P G . -23.85 -3.27 4.71
C3 L3P G . -23.18 -4.18 5.87
O1 L3P G . -25.41 -1.25 4.24
O2 L3P G . -24.74 -4.16 3.76
O3 L3P G . -22.32 -3.45 6.84
O4 L3P G . -24.02 -3.04 8.77
O1P L3P G . -21.66 -2.79 9.29
O2P L3P G . -22.55 -5.23 8.90
P1 L3P G . -22.64 -3.59 8.48
C11 L3P G . -26.26 -0.18 4.73
C12 L3P G . -25.45 1.17 4.81
C13 L3P G . -25.37 2.20 3.54
C14 L3P G . -26.74 2.77 3.06
C15 L3P G . -24.64 1.47 2.34
C16 L3P G . -23.15 1.90 2.12
C17 L3P G . -22.55 1.12 0.91
C18 L3P G . -21.12 1.50 0.47
C19 L3P G . -21.11 2.11 -0.96
C20 L3P G . -20.19 0.32 0.43
C41 L3P G . -24.07 -4.59 2.48
C42 L3P G . -24.29 -3.59 1.27
C43 L3P G . -24.18 -4.04 -0.25
C44 L3P G . -24.95 -5.34 -0.60
C45 L3P G . -22.70 -4.26 -0.67
C46 L3P G . -22.01 -3.02 -1.30
C47 L3P G . -22.08 -3.11 -2.88
C48 L3P G . -20.78 -2.94 -3.70
C49 L3P G . -20.52 -1.43 -3.85
C50 L3P G . -21.08 -3.76 -5.04
C51 L3P G . -21.14 -3.27 -6.40
C52 L3P G . -21.47 -4.38 -7.47
C53 L3P G . -20.89 -4.32 -9.00
C54 L3P G . -19.36 -4.33 -9.08
C55 L3P G . -21.46 -3.00 -9.75
C56 L3P G . -21.07 -2.65 -11.30
C57 L3P G . -21.78 -1.28 -11.76
C58 L3P G . -20.79 -0.18 -12.24
C59 L3P G . -20.81 -0.13 -13.75
C60 L3P G . -21.22 1.17 -11.69
C1 L3P H . 1.67 -4.17 26.87
C2 L3P H . 1.14 -2.75 27.27
C3 L3P H . -0.13 -2.81 28.24
O1 L3P H . 2.24 -4.45 25.57
O2 L3P H . 2.22 -2.07 27.94
O3 L3P H . -1.07 -1.75 27.76
O4 L3P H . -2.90 -2.30 29.68
O1P L3P H . -3.70 -1.61 27.48
O2P L3P H . -2.80 0.15 29.04
P1 L3P H . -2.61 -1.41 28.51
C11 L3P H . 3.71 -4.07 25.47
C12 L3P H . 4.32 -3.90 23.99
C13 L3P H . 5.87 -3.49 23.84
C14 L3P H . 6.16 -2.11 24.62
C15 L3P H . 6.25 -3.38 22.20
C16 L3P H . 7.79 -2.97 22.00
C17 L3P H . 8.57 -3.39 20.69
C18 L3P H . 10.14 -3.91 20.73
C19 L3P H . 11.20 -2.90 21.42
C20 L3P H . 10.61 -4.23 19.25
C21 L3P H . 12.08 -4.76 18.92
C22 L3P H . 12.01 -6.08 18.03
C23 L3P H . 13.42 -6.72 17.63
C24 L3P H . 13.98 -7.50 18.83
C25 L3P H . 14.52 -5.57 17.12
C26 L3P H . 15.72 -6.06 16.15
C27 L3P H . 16.55 -4.90 15.38
C28 L3P H . 17.73 -4.35 16.30
C29 L3P H . 19.05 -4.82 15.77
C30 L3P H . 17.80 -2.88 16.30
C41 L3P H . 2.22 -0.60 27.72
C42 L3P H . 3.13 -0.28 26.48
C43 L3P H . 3.24 1.22 26.14
C44 L3P H . 1.89 1.89 25.88
C45 L3P H . 4.19 1.37 24.88
C46 L3P H . 5.06 2.68 24.85
C47 L3P H . 5.83 2.51 23.53
C48 L3P H . 6.31 3.72 22.76
C49 L3P H . 7.32 4.51 23.70
C50 L3P H . 5.08 4.58 22.32
C51 L3P H . 5.48 5.86 21.50
C52 L3P H . 5.50 5.62 19.94
C53 L3P H . 6.90 5.42 19.28
C54 L3P H . 7.77 6.73 19.55
C55 L3P H . 6.72 5.17 17.66
C56 L3P H . 7.70 4.17 16.83
C57 L3P H . 8.82 3.45 17.61
C58 L3P H . 9.30 2.09 16.99
C59 L3P H . 10.63 2.28 16.11
C60 L3P H . 9.63 1.09 18.05
C1 L3P I . -19.48 0.67 -29.42
C2 L3P I . -19.30 -0.88 -29.41
C3 L3P I . -18.07 -1.40 -30.31
O1 L3P I . -18.65 1.41 -28.52
O2 L3P I . -19.08 -1.27 -28.07
O3 L3P I . -18.36 -0.98 -31.72
O4 L3P I . -17.48 -3.32 -32.77
O1P L3P I . -17.08 -1.26 -34.01
O2P L3P I . -19.39 -2.27 -34.04
P1 L3P I . -18.05 -1.98 -33.11
C11 L3P I . -17.76 2.42 -29.23
C12 L3P I . -17.67 3.89 -28.55
C13 L3P I . -16.28 4.43 -27.97
C14 L3P I . -15.16 4.41 -29.12
C15 L3P I . -15.82 3.49 -26.68
C16 L3P I . -16.93 3.51 -25.54
C17 L3P I . -16.67 2.66 -24.24
C18 L3P I . -17.32 1.16 -23.99
C19 L3P I . -18.25 0.57 -25.15
C20 L3P I . -18.15 1.27 -22.65
C21 L3P I . -18.98 0.09 -22.02
C22 L3P I . -19.66 0.62 -20.70
C23 L3P I . -20.52 -0.50 -20.03
C24 L3P I . -21.56 0.20 -19.16
C25 L3P I . -19.63 -1.52 -19.13
C26 L3P I . -20.49 -2.70 -18.44
C27 L3P I . -20.46 -2.79 -16.83
C28 L3P I . -21.37 -4.02 -16.35
C29 L3P I . -20.52 -5.20 -16.11
C30 L3P I . -22.05 -3.72 -15.06
C41 L3P I . -19.91 -2.43 -27.70
C42 L3P I . -20.87 -1.98 -26.58
C43 L3P I . -21.79 -3.12 -26.12
C44 L3P I . -23.17 -3.03 -26.72
C45 L3P I . -21.86 -3.11 -24.55
C46 L3P I . -20.85 -4.10 -23.87
C47 L3P I . -21.75 -5.27 -23.54
C48 L3P I . -21.68 -5.75 -22.14
C49 L3P I . -20.88 -7.08 -22.20
C50 L3P I . -23.11 -5.99 -21.62
C51 L3P I . -23.23 -5.70 -20.10
C52 L3P I . -24.68 -5.94 -19.55
C53 L3P I . -24.83 -7.13 -18.58
C54 L3P I . -25.33 -8.36 -19.46
C55 L3P I . -25.91 -6.75 -17.40
C56 L3P I . -26.06 -7.72 -16.13
C57 L3P I . -27.10 -7.24 -15.09
C58 L3P I . -27.68 -8.32 -14.16
C59 L3P I . -27.63 -7.83 -12.64
C60 L3P I . -29.11 -8.61 -14.47
#